data_3TQL
#
_entry.id   3TQL
#
_cell.length_a   46.421
_cell.length_b   66.450
_cell.length_c   87.389
_cell.angle_alpha   90.000
_cell.angle_beta   90.000
_cell.angle_gamma   90.000
#
_symmetry.space_group_name_H-M   'P 21 21 21'
#
loop_
_entity.id
_entity.type
_entity.pdbx_description
1 polymer 'Arginine-binding protein'
2 non-polymer ARGININE
3 non-polymer IMIDAZOLE
4 water water
#
_entity_poly.entity_id   1
_entity_poly.type   'polypeptide(L)'
_entity_poly.pdbx_seq_one_letter_code
;TDTIKFATEATYPPYVY(MSE)GPSGQVEGFGADIVKAVCKQ(MSE)QAVCTISNQPWDSLIPSLKLGKFDALFGG
(MSE)NITTARQKEVDFTDPYYTNSVSFIADKNTPLTLSKQGLKGKIIGVQGGTTFDSYLQDSFGNSITIQRYPSEEDAL
(MSE)DLTSGRVDAVVGDTPLIKQWLKQNGRREYVLIGKPVNDPNYFGKGVGIAVKKGNQALLLKLNKALAAIKANGVYA
AIVQKYF
;
_entity_poly.pdbx_strand_id   A
#
# COMPACT_ATOMS: atom_id res chain seq x y z
N THR A 1 -16.98 -5.08 -17.38
CA THR A 1 -17.74 -3.96 -17.93
C THR A 1 -16.99 -3.31 -19.10
N ASP A 2 -16.81 -4.08 -20.15
CA ASP A 2 -15.94 -3.71 -21.26
C ASP A 2 -14.80 -2.68 -21.04
N THR A 3 -15.07 -1.41 -20.65
CA THR A 3 -13.97 -0.46 -20.42
C THR A 3 -13.89 0.12 -18.98
N ILE A 4 -12.75 -0.10 -18.32
CA ILE A 4 -12.59 0.30 -16.92
C ILE A 4 -11.25 1.03 -16.73
N LYS A 5 -11.32 2.27 -16.23
CA LYS A 5 -10.11 3.05 -15.97
C LYS A 5 -9.67 2.92 -14.50
N PHE A 6 -8.47 2.41 -14.29
CA PHE A 6 -7.90 2.31 -12.93
C PHE A 6 -6.87 3.43 -12.74
N ALA A 7 -6.73 3.88 -11.50
CA ALA A 7 -5.66 4.82 -11.17
C ALA A 7 -4.96 4.45 -9.86
N THR A 8 -3.70 4.89 -9.75
CA THR A 8 -2.93 4.68 -8.53
C THR A 8 -1.87 5.76 -8.49
N GLU A 9 -1.08 5.82 -7.41
CA GLU A 9 0.21 6.52 -7.46
C GLU A 9 1.29 5.45 -7.36
N ALA A 10 2.13 5.32 -8.38
CA ALA A 10 3.03 4.16 -8.50
C ALA A 10 4.35 4.35 -7.72
N THR A 11 4.24 4.31 -6.40
CA THR A 11 5.31 4.72 -5.50
C THR A 11 5.29 3.90 -4.21
N TYR A 12 4.87 2.64 -4.28
CA TYR A 12 4.67 1.83 -3.09
C TYR A 12 5.02 0.36 -3.35
N PRO A 13 6.31 0.08 -3.59
CA PRO A 13 6.70 -1.31 -3.79
C PRO A 13 6.44 -2.10 -2.51
N PRO A 14 6.08 -3.38 -2.63
CA PRO A 14 5.99 -4.18 -3.85
C PRO A 14 4.60 -4.14 -4.49
N TYR A 15 3.68 -3.41 -3.86
CA TYR A 15 2.30 -3.37 -4.33
C TYR A 15 2.20 -2.68 -5.71
N VAL A 16 2.75 -1.48 -5.81
N VAL A 16 2.83 -1.52 -5.84
CA VAL A 16 2.82 -0.80 -7.10
CA VAL A 16 2.78 -0.78 -7.09
C VAL A 16 4.08 0.03 -7.17
C VAL A 16 3.97 0.17 -7.20
N TYR A 17 4.63 0.16 -8.37
CA TYR A 17 5.82 0.96 -8.58
C TYR A 17 6.07 1.20 -10.06
N GLY A 19 8.24 0.46 -13.26
CA GLY A 19 9.14 -0.57 -13.74
C GLY A 19 10.47 0.00 -14.20
N GLY A 22 8.52 2.97 -18.66
CA GLY A 22 7.62 3.92 -18.01
C GLY A 22 6.24 3.33 -17.74
N GLN A 23 6.21 2.09 -17.28
CA GLN A 23 4.95 1.40 -17.03
C GLN A 23 4.74 1.10 -15.55
N VAL A 24 3.51 1.21 -15.10
CA VAL A 24 3.18 0.83 -13.73
C VAL A 24 3.27 -0.67 -13.58
N GLU A 25 4.07 -1.14 -12.61
CA GLU A 25 4.28 -2.55 -12.39
C GLU A 25 3.99 -2.88 -10.93
N GLY A 26 3.99 -4.16 -10.60
CA GLY A 26 3.85 -4.57 -9.22
C GLY A 26 2.69 -5.50 -8.99
N PHE A 27 2.58 -5.98 -7.74
CA PHE A 27 1.55 -6.96 -7.37
C PHE A 27 0.15 -6.47 -7.75
N GLY A 28 -0.18 -5.25 -7.36
CA GLY A 28 -1.51 -4.73 -7.62
C GLY A 28 -1.74 -4.52 -9.11
N ALA A 29 -0.72 -4.12 -9.84
CA ALA A 29 -0.86 -3.94 -11.29
C ALA A 29 -1.19 -5.28 -11.95
N ASP A 30 -0.59 -6.36 -11.47
CA ASP A 30 -0.86 -7.68 -12.02
C ASP A 30 -2.24 -8.20 -11.63
N ILE A 31 -2.65 -7.95 -10.38
CA ILE A 31 -4.01 -8.26 -9.95
C ILE A 31 -5.03 -7.55 -10.85
N VAL A 32 -4.85 -6.25 -11.04
CA VAL A 32 -5.74 -5.49 -11.91
C VAL A 32 -5.79 -6.09 -13.33
N LYS A 33 -4.63 -6.39 -13.90
CA LYS A 33 -4.63 -6.95 -15.27
C LYS A 33 -5.33 -8.31 -15.29
N ALA A 34 -5.14 -9.09 -14.24
CA ALA A 34 -5.75 -10.41 -14.16
C ALA A 34 -7.28 -10.33 -14.01
N VAL A 35 -7.78 -9.41 -13.19
N VAL A 35 -7.76 -9.41 -13.18
CA VAL A 35 -9.23 -9.30 -13.04
CA VAL A 35 -9.19 -9.19 -13.01
C VAL A 35 -9.84 -8.78 -14.34
C VAL A 35 -9.79 -8.67 -14.31
N CYS A 36 -9.17 -7.84 -14.98
N CYS A 36 -9.05 -7.79 -14.97
CA CYS A 36 -9.66 -7.31 -16.26
CA CYS A 36 -9.46 -7.25 -16.28
C CYS A 36 -9.74 -8.41 -17.31
C CYS A 36 -9.70 -8.37 -17.28
N LYS A 37 -8.74 -9.29 -17.35
CA LYS A 37 -8.79 -10.40 -18.29
C LYS A 37 -9.96 -11.31 -17.96
N GLN A 38 -10.14 -11.60 -16.68
CA GLN A 38 -11.23 -12.44 -16.24
C GLN A 38 -12.59 -11.85 -16.63
N GLN A 40 -13.20 -9.89 -19.15
CA GLN A 40 -13.19 -9.50 -20.56
C GLN A 40 -13.29 -7.98 -20.70
N ALA A 41 -12.63 -7.26 -19.78
CA ALA A 41 -12.65 -5.81 -19.81
C ALA A 41 -11.37 -5.27 -20.43
N VAL A 42 -11.44 -4.09 -21.03
CA VAL A 42 -10.21 -3.42 -21.45
C VAL A 42 -9.94 -2.35 -20.40
N CYS A 43 -8.70 -2.30 -19.96
N CYS A 43 -8.70 -2.31 -19.92
CA CYS A 43 -8.35 -1.45 -18.82
CA CYS A 43 -8.37 -1.41 -18.84
C CYS A 43 -7.07 -0.68 -19.07
C CYS A 43 -7.06 -0.68 -19.07
N THR A 44 -6.90 0.43 -18.37
CA THR A 44 -5.62 1.11 -18.30
C THR A 44 -5.39 1.44 -16.85
N ILE A 45 -4.11 1.61 -16.52
CA ILE A 45 -3.72 2.04 -15.18
C ILE A 45 -3.03 3.38 -15.34
N SER A 46 -3.63 4.41 -14.77
N SER A 46 -3.64 4.41 -14.76
CA SER A 46 -3.06 5.74 -14.82
CA SER A 46 -3.06 5.75 -14.78
C SER A 46 -2.32 6.07 -13.51
C SER A 46 -2.27 5.99 -13.51
N ASN A 47 -1.17 6.73 -13.64
CA ASN A 47 -0.37 7.13 -12.49
C ASN A 47 -0.66 8.62 -12.19
N GLN A 48 -1.15 8.89 -10.97
CA GLN A 48 -1.56 10.24 -10.57
C GLN A 48 -1.19 10.49 -9.12
N PRO A 49 -1.04 11.76 -8.73
CA PRO A 49 -0.73 12.09 -7.34
C PRO A 49 -1.72 11.47 -6.37
N TRP A 50 -1.20 10.86 -5.31
CA TRP A 50 -2.00 10.20 -4.29
C TRP A 50 -3.20 11.02 -3.84
N ASP A 51 -2.98 12.29 -3.51
CA ASP A 51 -4.05 13.14 -2.99
C ASP A 51 -5.14 13.49 -4.00
N SER A 52 -4.88 13.23 -5.27
CA SER A 52 -5.85 13.52 -6.32
C SER A 52 -6.76 12.35 -6.63
N LEU A 53 -6.40 11.16 -6.11
CA LEU A 53 -7.06 9.92 -6.54
C LEU A 53 -8.52 9.83 -6.14
N ILE A 54 -8.81 10.01 -4.85
CA ILE A 54 -10.19 9.90 -4.40
C ILE A 54 -11.07 11.03 -5.01
N PRO A 55 -10.57 12.28 -5.03
CA PRO A 55 -11.36 13.32 -5.73
C PRO A 55 -11.64 12.95 -7.19
N SER A 56 -10.65 12.41 -7.90
CA SER A 56 -10.86 12.02 -9.30
C SER A 56 -11.83 10.85 -9.45
N LEU A 57 -11.80 9.91 -8.50
CA LEU A 57 -12.76 8.81 -8.53
C LEU A 57 -14.18 9.35 -8.32
N LYS A 58 -14.34 10.26 -7.36
CA LYS A 58 -15.64 10.84 -7.08
C LYS A 58 -16.17 11.66 -8.26
N LEU A 59 -15.28 12.36 -8.96
CA LEU A 59 -15.68 13.15 -10.12
C LEU A 59 -15.96 12.27 -11.34
N GLY A 60 -15.54 11.01 -11.26
CA GLY A 60 -15.80 10.04 -12.31
C GLY A 60 -14.75 10.01 -13.42
N LYS A 61 -13.58 10.60 -13.17
CA LYS A 61 -12.48 10.53 -14.14
C LYS A 61 -11.94 9.10 -14.26
N PHE A 62 -11.93 8.38 -13.13
CA PHE A 62 -11.56 6.97 -13.13
C PHE A 62 -12.69 6.15 -12.57
N ASP A 63 -12.65 4.83 -12.85
CA ASP A 63 -13.67 3.92 -12.32
C ASP A 63 -13.24 3.23 -11.02
N ALA A 64 -11.93 3.11 -10.82
CA ALA A 64 -11.42 2.34 -9.68
C ALA A 64 -10.02 2.78 -9.28
N LEU A 65 -9.70 2.66 -7.99
CA LEU A 65 -8.38 2.97 -7.48
C LEU A 65 -7.79 1.73 -6.83
N PHE A 66 -6.47 1.65 -6.79
CA PHE A 66 -5.80 0.54 -6.11
C PHE A 66 -4.37 0.96 -5.84
N GLY A 67 -3.64 0.11 -5.11
CA GLY A 67 -2.19 0.22 -5.00
C GLY A 67 -1.72 0.27 -3.56
N GLY A 68 -1.78 -0.88 -2.89
CA GLY A 68 -1.46 -0.93 -1.47
C GLY A 68 -2.41 -0.14 -0.61
N ASN A 70 -4.98 0.27 2.00
CA ASN A 70 -5.55 -0.44 3.12
C ASN A 70 -7.02 -0.05 3.26
N ILE A 71 -7.87 -1.05 3.43
CA ILE A 71 -9.27 -0.82 3.74
C ILE A 71 -9.37 -0.41 5.19
N THR A 72 -9.96 0.75 5.44
CA THR A 72 -10.09 1.26 6.80
C THR A 72 -11.50 1.78 6.95
N THR A 73 -11.99 1.84 8.19
CA THR A 73 -13.34 2.30 8.44
C THR A 73 -13.54 3.71 7.90
N ALA A 74 -12.53 4.55 8.05
CA ALA A 74 -12.59 5.93 7.61
C ALA A 74 -12.71 6.03 6.09
N ARG A 75 -11.91 5.25 5.37
CA ARG A 75 -11.97 5.27 3.93
C ARG A 75 -13.28 4.70 3.41
N GLN A 76 -13.85 3.76 4.14
CA GLN A 76 -15.09 3.12 3.73
C GLN A 76 -16.25 4.09 3.78
N LYS A 77 -16.05 5.23 4.44
CA LYS A 77 -17.04 6.30 4.43
C LYS A 77 -17.01 7.13 3.13
N GLU A 78 -15.90 7.07 2.39
CA GLU A 78 -15.71 7.93 1.22
C GLU A 78 -15.90 7.17 -0.08
N VAL A 79 -15.55 5.89 -0.03
CA VAL A 79 -15.58 5.01 -1.20
C VAL A 79 -16.04 3.61 -0.80
N ASP A 80 -16.33 2.77 -1.79
CA ASP A 80 -16.61 1.36 -1.51
C ASP A 80 -15.41 0.52 -1.95
N PHE A 81 -15.06 -0.46 -1.11
CA PHE A 81 -13.97 -1.37 -1.45
C PHE A 81 -14.45 -2.76 -1.84
N THR A 82 -13.68 -3.41 -2.71
CA THR A 82 -13.90 -4.81 -2.99
C THR A 82 -13.52 -5.63 -1.75
N ASP A 83 -13.87 -6.91 -1.78
CA ASP A 83 -13.24 -7.88 -0.90
C ASP A 83 -11.73 -7.66 -1.01
N PRO A 84 -11.00 -7.84 0.11
CA PRO A 84 -9.55 -7.66 0.05
C PRO A 84 -8.90 -8.73 -0.81
N TYR A 85 -7.81 -8.37 -1.49
CA TYR A 85 -7.10 -9.34 -2.30
C TYR A 85 -5.69 -9.60 -1.80
N TYR A 86 -5.33 -8.97 -0.68
CA TYR A 86 -4.11 -9.32 0.03
C TYR A 86 -4.18 -8.71 1.41
N THR A 87 -3.24 -9.07 2.27
CA THR A 87 -3.28 -8.56 3.63
C THR A 87 -2.88 -7.07 3.64
N ASN A 88 -3.25 -6.38 4.73
CA ASN A 88 -2.91 -4.97 4.87
C ASN A 88 -1.41 -4.74 4.94
N SER A 89 -0.99 -3.52 4.65
CA SER A 89 0.41 -3.15 4.60
C SER A 89 0.76 -2.22 5.75
N VAL A 90 1.91 -2.44 6.37
CA VAL A 90 2.46 -1.47 7.30
C VAL A 90 3.49 -0.68 6.50
N SER A 91 3.35 0.64 6.44
CA SER A 91 4.22 1.44 5.60
C SER A 91 5.48 1.83 6.33
N PHE A 92 6.63 1.72 5.66
CA PHE A 92 7.89 2.27 6.17
C PHE A 92 8.22 3.51 5.36
N ILE A 93 8.66 4.57 6.03
CA ILE A 93 9.02 5.81 5.35
C ILE A 93 10.52 5.90 5.33
N ALA A 94 11.09 6.13 4.15
CA ALA A 94 12.56 6.15 3.99
C ALA A 94 12.99 7.07 2.86
N ASP A 95 14.28 7.39 2.82
CA ASP A 95 14.80 8.21 1.72
C ASP A 95 14.64 7.44 0.40
N LYS A 96 14.20 8.15 -0.63
CA LYS A 96 13.91 7.52 -1.91
C LYS A 96 15.19 7.04 -2.60
N ASN A 97 16.35 7.56 -2.17
CA ASN A 97 17.58 7.22 -2.88
C ASN A 97 18.05 5.78 -2.67
N THR A 98 17.52 5.12 -1.65
CA THR A 98 17.94 3.76 -1.32
C THR A 98 16.75 2.84 -1.10
N PRO A 99 16.48 1.95 -2.07
CA PRO A 99 15.39 0.99 -1.79
C PRO A 99 15.75 0.11 -0.61
N LEU A 100 14.73 -0.29 0.15
CA LEU A 100 14.94 -1.23 1.25
C LEU A 100 14.10 -2.48 1.07
N THR A 101 14.67 -3.61 1.43
CA THR A 101 13.91 -4.85 1.52
C THR A 101 13.44 -4.98 2.95
N LEU A 102 12.12 -4.97 3.15
CA LEU A 102 11.57 -4.97 4.50
C LEU A 102 11.43 -6.36 5.11
N SER A 103 12.56 -7.00 5.35
CA SER A 103 12.59 -8.32 5.96
C SER A 103 13.68 -8.32 7.02
N LYS A 104 13.75 -9.38 7.84
CA LYS A 104 14.79 -9.47 8.86
C LYS A 104 16.19 -9.37 8.26
N GLN A 105 16.38 -10.01 7.09
CA GLN A 105 17.68 -9.93 6.43
C GLN A 105 17.89 -8.58 5.73
N GLY A 106 16.84 -8.08 5.08
CA GLY A 106 16.94 -6.83 4.35
C GLY A 106 17.19 -5.62 5.25
N LEU A 107 16.76 -5.69 6.49
CA LEU A 107 16.91 -4.55 7.40
C LEU A 107 18.05 -4.78 8.39
N LYS A 108 18.84 -5.80 8.15
CA LYS A 108 20.01 -6.09 8.97
C LYS A 108 20.90 -4.86 9.05
N GLY A 109 21.21 -4.44 10.27
CA GLY A 109 22.06 -3.28 10.50
C GLY A 109 21.35 -1.96 10.31
N LYS A 110 20.04 -1.98 10.13
CA LYS A 110 19.31 -0.72 9.98
C LYS A 110 18.72 -0.27 11.30
N ILE A 111 18.50 1.04 11.41
CA ILE A 111 17.79 1.60 12.54
C ILE A 111 16.42 2.07 12.10
N ILE A 112 15.39 1.59 12.78
CA ILE A 112 14.01 1.94 12.48
C ILE A 112 13.46 2.75 13.63
N GLY A 113 12.93 3.93 13.32
CA GLY A 113 12.35 4.77 14.35
C GLY A 113 10.85 4.57 14.43
N VAL A 114 10.32 4.72 15.63
CA VAL A 114 8.91 4.46 15.88
C VAL A 114 8.49 5.24 17.12
N GLN A 115 7.21 5.58 17.23
CA GLN A 115 6.73 6.17 18.47
C GLN A 115 6.69 5.07 19.53
N GLY A 116 7.40 5.29 20.63
CA GLY A 116 7.50 4.26 21.64
C GLY A 116 6.15 3.91 22.26
N GLY A 117 5.95 2.61 22.49
CA GLY A 117 4.82 2.11 23.25
C GLY A 117 3.55 2.01 22.44
N THR A 118 3.64 2.21 21.13
CA THR A 118 2.49 2.12 20.26
C THR A 118 2.32 0.72 19.70
N THR A 119 1.21 0.50 19.01
CA THR A 119 1.02 -0.76 18.29
C THR A 119 2.08 -0.95 17.19
N PHE A 120 2.53 0.14 16.57
CA PHE A 120 3.61 0.03 15.59
C PHE A 120 4.89 -0.50 16.22
N ASP A 121 5.20 -0.04 17.42
CA ASP A 121 6.36 -0.50 18.18
C ASP A 121 6.26 -2.00 18.47
N SER A 122 5.11 -2.43 18.99
CA SER A 122 4.88 -3.85 19.25
C SER A 122 5.01 -4.68 17.96
N TYR A 123 4.45 -4.18 16.87
CA TYR A 123 4.52 -4.88 15.59
C TYR A 123 5.98 -5.08 15.16
N LEU A 124 6.78 -4.03 15.29
CA LEU A 124 8.20 -4.15 14.91
C LEU A 124 8.90 -5.19 15.76
N GLN A 125 8.63 -5.18 17.06
CA GLN A 125 9.29 -6.15 17.94
C GLN A 125 8.91 -7.58 17.57
N ASP A 126 7.63 -7.81 17.26
CA ASP A 126 7.15 -9.14 16.96
C ASP A 126 7.59 -9.64 15.59
N SER A 127 7.57 -8.76 14.60
N SER A 127 7.60 -8.76 14.59
CA SER A 127 7.90 -9.18 13.23
CA SER A 127 7.90 -9.17 13.22
C SER A 127 9.40 -9.27 12.98
C SER A 127 9.38 -9.19 12.88
N PHE A 128 10.17 -8.36 13.58
CA PHE A 128 11.61 -8.29 13.28
C PHE A 128 12.51 -8.77 14.41
N GLY A 129 11.98 -8.78 15.64
CA GLY A 129 12.76 -9.20 16.78
C GLY A 129 14.07 -8.44 16.89
N ASN A 130 15.13 -9.19 17.12
CA ASN A 130 16.45 -8.62 17.34
C ASN A 130 17.24 -8.35 16.05
N SER A 131 16.61 -8.56 14.90
CA SER A 131 17.27 -8.33 13.61
C SER A 131 17.54 -6.85 13.35
N ILE A 132 16.73 -5.98 13.94
CA ILE A 132 16.88 -4.56 13.70
C ILE A 132 17.14 -3.84 15.00
N THR A 133 17.58 -2.60 14.87
CA THR A 133 17.65 -1.70 16.00
C THR A 133 16.45 -0.79 15.96
N ILE A 134 15.66 -0.80 17.03
CA ILE A 134 14.51 0.10 17.15
C ILE A 134 14.86 1.30 18.00
N GLN A 135 14.65 2.51 17.46
CA GLN A 135 14.78 3.71 18.28
C GLN A 135 13.40 4.28 18.51
N ARG A 136 13.10 4.61 19.77
CA ARG A 136 11.77 5.03 20.16
C ARG A 136 11.73 6.51 20.46
N TYR A 137 10.63 7.15 20.07
CA TYR A 137 10.45 8.60 20.17
C TYR A 137 9.13 8.91 20.85
N PRO A 138 9.05 10.09 21.47
CA PRO A 138 7.83 10.53 22.15
C PRO A 138 6.68 10.74 21.16
N SER A 139 7.03 11.05 19.92
CA SER A 139 6.04 11.39 18.90
C SER A 139 6.54 11.00 17.52
N GLU A 140 5.63 10.97 16.55
CA GLU A 140 6.06 10.67 15.20
C GLU A 140 6.94 11.80 14.64
N GLU A 141 6.63 13.04 15.02
CA GLU A 141 7.46 14.18 14.58
C GLU A 141 8.91 13.99 14.99
N ASP A 142 9.15 13.57 16.22
CA ASP A 142 10.53 13.38 16.68
C ASP A 142 11.21 12.28 15.88
N ALA A 143 10.49 11.20 15.58
CA ALA A 143 11.06 10.13 14.75
C ALA A 143 11.42 10.68 13.39
N LEU A 144 10.54 11.51 12.82
CA LEU A 144 10.79 12.06 11.49
C LEU A 144 11.94 13.05 11.48
N ASP A 146 14.60 12.67 13.13
CA ASP A 146 15.78 11.82 12.98
C ASP A 146 15.86 11.24 11.57
N LEU A 147 14.73 10.82 11.00
CA LEU A 147 14.79 10.25 9.65
C LEU A 147 15.34 11.27 8.67
N THR A 148 14.80 12.49 8.74
CA THR A 148 15.13 13.49 7.73
C THR A 148 16.43 14.25 8.01
N SER A 149 17.07 13.92 9.14
CA SER A 149 18.45 14.38 9.36
C SER A 149 19.43 13.21 9.25
N GLY A 150 18.95 12.06 8.76
CA GLY A 150 19.84 10.92 8.52
C GLY A 150 20.28 10.18 9.77
N ARG A 151 19.48 10.28 10.83
CA ARG A 151 19.82 9.60 12.10
C ARG A 151 19.17 8.22 12.27
N VAL A 152 18.15 7.93 11.46
CA VAL A 152 17.62 6.59 11.34
C VAL A 152 17.41 6.29 9.87
N ASP A 153 17.21 5.01 9.56
CA ASP A 153 17.02 4.58 8.16
C ASP A 153 15.57 4.63 7.68
N ALA A 154 14.63 4.37 8.57
CA ALA A 154 13.23 4.39 8.19
C ALA A 154 12.40 4.66 9.42
N VAL A 155 11.17 5.10 9.20
N VAL A 155 11.14 5.03 9.22
CA VAL A 155 10.23 5.33 10.31
CA VAL A 155 10.23 5.20 10.33
C VAL A 155 8.95 4.58 9.99
C VAL A 155 8.88 4.59 10.02
N VAL A 156 8.28 4.10 11.03
N VAL A 156 8.30 3.92 11.00
CA VAL A 156 7.00 3.42 10.89
CA VAL A 156 6.96 3.38 10.86
C VAL A 156 6.00 4.14 11.78
C VAL A 156 5.99 4.11 11.78
N GLY A 157 4.84 4.49 11.23
CA GLY A 157 3.84 5.22 11.97
C GLY A 157 2.59 5.49 11.15
N ASP A 158 1.74 6.39 11.65
CA ASP A 158 0.49 6.72 10.97
C ASP A 158 0.79 7.44 9.68
N THR A 159 0.41 6.83 8.55
CA THR A 159 0.84 7.38 7.27
C THR A 159 0.20 8.73 6.92
N PRO A 160 -1.09 8.92 7.20
CA PRO A 160 -1.62 10.25 6.84
C PRO A 160 -0.94 11.37 7.64
N LEU A 161 -0.63 11.13 8.92
CA LEU A 161 0.08 12.13 9.74
C LEU A 161 1.50 12.36 9.25
N ILE A 162 2.19 11.26 8.93
N ILE A 162 2.19 11.27 8.93
CA ILE A 162 3.54 11.34 8.39
CA ILE A 162 3.55 11.37 8.41
C ILE A 162 3.56 12.15 7.10
C ILE A 162 3.60 12.13 7.08
N LYS A 163 2.69 11.79 6.16
CA LYS A 163 2.63 12.46 4.88
C LYS A 163 2.35 13.94 5.06
N GLN A 164 1.50 14.26 6.02
CA GLN A 164 1.14 15.64 6.29
C GLN A 164 2.37 16.38 6.78
N TRP A 165 3.11 15.76 7.69
CA TRP A 165 4.33 16.39 8.23
C TRP A 165 5.31 16.62 7.10
N LEU A 166 5.53 15.61 6.25
CA LEU A 166 6.52 15.75 5.18
C LEU A 166 6.13 16.85 4.19
N LYS A 167 4.84 16.96 3.92
CA LYS A 167 4.37 18.00 3.02
C LYS A 167 4.51 19.40 3.63
N GLN A 168 4.02 19.57 4.86
CA GLN A 168 4.15 20.85 5.57
C GLN A 168 5.59 21.33 5.62
N ASN A 169 6.51 20.38 5.72
CA ASN A 169 7.91 20.73 5.91
C ASN A 169 8.73 20.61 4.63
N GLY A 170 8.05 20.50 3.51
CA GLY A 170 8.68 20.54 2.20
C GLY A 170 9.76 19.50 2.00
N ARG A 171 9.46 18.26 2.35
CA ARG A 171 10.38 17.18 2.07
C ARG A 171 9.71 16.20 1.12
N ARG A 172 10.16 16.21 -0.13
CA ARG A 172 9.65 15.27 -1.13
C ARG A 172 10.58 14.06 -1.25
N GLU A 173 11.70 14.13 -0.55
CA GLU A 173 12.74 13.12 -0.69
C GLU A 173 12.35 11.77 -0.08
N TYR A 174 11.30 11.74 0.74
CA TYR A 174 11.00 10.55 1.52
C TYR A 174 9.75 9.89 0.99
N VAL A 175 9.82 8.57 0.84
CA VAL A 175 8.75 7.82 0.21
C VAL A 175 8.37 6.60 1.04
N LEU A 176 7.30 5.93 0.64
CA LEU A 176 6.77 4.79 1.38
C LEU A 176 7.11 3.46 0.72
N ILE A 177 7.35 2.46 1.55
CA ILE A 177 7.56 1.10 1.11
C ILE A 177 6.57 0.27 1.92
N GLY A 178 5.88 -0.64 1.26
CA GLY A 178 4.87 -1.43 1.92
C GLY A 178 5.40 -2.76 2.41
N LYS A 179 4.99 -3.13 3.61
CA LYS A 179 5.29 -4.45 4.18
C LYS A 179 3.96 -5.15 4.50
N PRO A 180 3.64 -6.22 3.75
CA PRO A 180 2.45 -7.00 4.08
C PRO A 180 2.53 -7.55 5.50
N VAL A 181 1.43 -7.47 6.22
CA VAL A 181 1.33 -8.00 7.57
C VAL A 181 0.89 -9.46 7.53
N ASN A 182 1.82 -10.35 7.88
CA ASN A 182 1.55 -11.79 7.88
C ASN A 182 1.23 -12.34 9.27
N ASP A 183 1.40 -11.52 10.29
CA ASP A 183 1.13 -11.91 11.67
C ASP A 183 -0.34 -11.64 11.98
N PRO A 184 -1.14 -12.70 12.20
CA PRO A 184 -2.58 -12.54 12.41
C PRO A 184 -2.95 -11.61 13.56
N ASN A 185 -2.01 -11.40 14.50
CA ASN A 185 -2.28 -10.51 15.62
C ASN A 185 -2.39 -9.05 15.19
N TYR A 186 -1.92 -8.76 13.98
CA TYR A 186 -1.91 -7.41 13.45
C TYR A 186 -2.69 -7.26 12.14
N PHE A 187 -3.48 -8.28 11.80
CA PHE A 187 -4.33 -8.24 10.61
C PHE A 187 -5.35 -7.12 10.68
N GLY A 188 -5.49 -6.38 9.59
CA GLY A 188 -6.59 -5.46 9.43
C GLY A 188 -7.50 -6.01 8.35
N LYS A 189 -8.27 -5.13 7.72
CA LYS A 189 -9.23 -5.58 6.72
C LYS A 189 -8.57 -6.06 5.43
N GLY A 190 -7.35 -5.59 5.16
CA GLY A 190 -6.62 -5.98 3.97
C GLY A 190 -6.51 -4.84 2.98
N VAL A 191 -5.87 -5.09 1.85
CA VAL A 191 -5.91 -4.11 0.76
C VAL A 191 -7.02 -4.45 -0.23
N GLY A 192 -7.59 -3.43 -0.83
CA GLY A 192 -8.67 -3.61 -1.77
C GLY A 192 -8.67 -2.61 -2.91
N ILE A 193 -9.56 -2.84 -3.87
CA ILE A 193 -9.79 -1.91 -4.97
C ILE A 193 -10.96 -1.03 -4.54
N ALA A 194 -10.80 0.28 -4.74
CA ALA A 194 -11.86 1.24 -4.38
C ALA A 194 -12.65 1.66 -5.61
N VAL A 195 -13.96 1.77 -5.46
CA VAL A 195 -14.82 2.33 -6.50
C VAL A 195 -15.67 3.43 -5.87
N LYS A 196 -16.31 4.23 -6.71
CA LYS A 196 -17.14 5.32 -6.22
C LYS A 196 -18.26 4.76 -5.35
N LYS A 197 -18.51 5.42 -4.22
CA LYS A 197 -19.52 4.95 -3.28
C LYS A 197 -20.85 4.82 -3.99
N GLY A 198 -21.48 3.66 -3.83
CA GLY A 198 -22.74 3.37 -4.49
C GLY A 198 -22.64 2.66 -5.82
N ASN A 199 -21.42 2.53 -6.35
CA ASN A 199 -21.23 1.84 -7.63
C ASN A 199 -21.32 0.32 -7.45
N GLN A 200 -22.53 -0.16 -7.16
CA GLN A 200 -22.70 -1.57 -6.81
C GLN A 200 -22.45 -2.52 -7.97
N ALA A 201 -22.74 -2.08 -9.20
CA ALA A 201 -22.60 -2.94 -10.36
C ALA A 201 -21.12 -3.29 -10.59
N LEU A 202 -20.25 -2.29 -10.56
CA LEU A 202 -18.83 -2.54 -10.80
C LEU A 202 -18.25 -3.32 -9.61
N LEU A 203 -18.68 -2.99 -8.41
CA LEU A 203 -18.19 -3.65 -7.23
C LEU A 203 -18.46 -5.16 -7.32
N LEU A 204 -19.68 -5.53 -7.70
CA LEU A 204 -20.03 -6.96 -7.78
C LEU A 204 -19.19 -7.64 -8.86
N LYS A 205 -19.00 -6.97 -10.00
CA LYS A 205 -18.20 -7.55 -11.08
C LYS A 205 -16.76 -7.77 -10.64
N LEU A 206 -16.20 -6.78 -9.93
CA LEU A 206 -14.82 -6.90 -9.46
C LEU A 206 -14.69 -8.04 -8.45
N ASN A 207 -15.64 -8.11 -7.51
CA ASN A 207 -15.58 -9.16 -6.49
C ASN A 207 -15.67 -10.54 -7.11
N LYS A 208 -16.57 -10.71 -8.07
CA LYS A 208 -16.69 -12.00 -8.74
C LYS A 208 -15.39 -12.34 -9.47
N ALA A 209 -14.79 -11.33 -10.09
CA ALA A 209 -13.54 -11.55 -10.85
C ALA A 209 -12.37 -11.92 -9.94
N LEU A 210 -12.29 -11.26 -8.79
CA LEU A 210 -11.24 -11.58 -7.80
C LEU A 210 -11.41 -13.00 -7.31
N ALA A 211 -12.64 -13.39 -7.03
CA ALA A 211 -12.91 -14.73 -6.56
C ALA A 211 -12.51 -15.74 -7.64
N ALA A 212 -12.77 -15.41 -8.90
CA ALA A 212 -12.48 -16.32 -9.99
C ALA A 212 -10.99 -16.55 -10.21
N ILE A 213 -10.18 -15.50 -10.06
CA ILE A 213 -8.73 -15.68 -10.24
C ILE A 213 -8.13 -16.43 -9.04
N LYS A 214 -8.77 -16.32 -7.89
CA LYS A 214 -8.37 -17.14 -6.75
C LYS A 214 -8.68 -18.61 -7.00
N ALA A 215 -9.84 -18.85 -7.63
CA ALA A 215 -10.28 -20.22 -7.89
C ALA A 215 -9.51 -20.94 -9.00
N ASN A 216 -8.98 -20.21 -9.98
CA ASN A 216 -8.33 -20.85 -11.12
C ASN A 216 -6.80 -20.86 -11.11
N GLY A 217 -6.20 -20.40 -10.01
CA GLY A 217 -4.76 -20.45 -9.88
C GLY A 217 -4.03 -19.20 -10.35
N VAL A 218 -4.71 -18.32 -11.06
CA VAL A 218 -4.10 -17.10 -11.57
C VAL A 218 -3.61 -16.23 -10.40
N TYR A 219 -4.45 -16.10 -9.38
CA TYR A 219 -4.09 -15.29 -8.21
C TYR A 219 -2.83 -15.85 -7.52
N ALA A 220 -2.84 -17.15 -7.28
CA ALA A 220 -1.72 -17.79 -6.57
C ALA A 220 -0.40 -17.55 -7.28
N ALA A 221 -0.44 -17.57 -8.62
CA ALA A 221 0.81 -17.37 -9.39
C ALA A 221 1.30 -15.93 -9.25
N ILE A 222 0.36 -14.98 -9.19
CA ILE A 222 0.75 -13.59 -9.02
C ILE A 222 1.37 -13.39 -7.63
N VAL A 223 0.72 -13.94 -6.61
CA VAL A 223 1.28 -13.86 -5.26
C VAL A 223 2.69 -14.46 -5.22
N GLN A 224 2.88 -15.58 -5.90
CA GLN A 224 4.17 -16.27 -5.84
C GLN A 224 5.29 -15.47 -6.49
N LYS A 225 4.92 -14.66 -7.47
N LYS A 225 4.94 -14.64 -7.48
CA LYS A 225 5.85 -13.80 -8.17
CA LYS A 225 5.93 -13.81 -8.15
C LYS A 225 6.50 -12.79 -7.23
C LYS A 225 6.52 -12.77 -7.22
N TYR A 226 5.69 -12.19 -6.36
CA TYR A 226 6.15 -11.07 -5.51
C TYR A 226 6.47 -11.45 -4.07
N PHE A 227 5.82 -12.51 -3.58
CA PHE A 227 5.84 -12.81 -2.16
C PHE A 227 6.30 -14.25 -1.90
#